data_8ZF3
#
_entry.id   8ZF3
#
_cell.length_a   45.546
_cell.length_b   45.901
_cell.length_c   49.481
_cell.angle_alpha   92.620
_cell.angle_beta   91.050
_cell.angle_gamma   99.940
#
_symmetry.space_group_name_H-M   'P 1'
#
loop_
_entity.id
_entity.type
_entity.pdbx_description
1 polymer 'Hypothetical OpaR'
2 water water
#
_entity_poly.entity_id   1
_entity_poly.type   'polypeptide(L)'
_entity_poly.pdbx_seq_one_letter_code
;MDTIVKKTRTRLSPEKRKQQLLDFALDVFARRGIGRAGHADIAEMANVSVATVFNYFPTREALVEEVLLQVENRFSLLLS
ECLDEQDKTLHARLRGISHTLIDAVIEQQDWLKVWFEWSTSVRDDIWPQFISGNKKSLKRIAAAFEQGKENNEIDSDNSS
DDLAHLLHGLCYILYLQSNLHPDQDRMREQAERYINTLYPAK
;
_entity_poly.pdbx_strand_id   A,B
#
# COMPACT_ATOMS: atom_id res chain seq x y z
N LEU A 12 -14.01 32.65 -9.45
CA LEU A 12 -15.36 33.05 -9.10
C LEU A 12 -16.41 32.31 -9.95
N SER A 13 -16.05 31.87 -11.16
CA SER A 13 -17.02 31.10 -11.94
C SER A 13 -17.32 29.80 -11.21
N PRO A 14 -18.57 29.31 -11.24
CA PRO A 14 -18.94 28.19 -10.35
C PRO A 14 -18.14 26.93 -10.61
N GLU A 15 -17.87 26.59 -11.87
CA GLU A 15 -17.09 25.38 -12.10
C GLU A 15 -15.65 25.54 -11.62
N LYS A 16 -15.05 26.70 -11.85
CA LYS A 16 -13.70 26.94 -11.34
C LYS A 16 -13.66 26.94 -9.80
N ARG A 17 -14.69 27.51 -9.17
CA ARG A 17 -14.75 27.48 -7.70
C ARG A 17 -14.81 26.06 -7.18
N LYS A 18 -15.70 25.24 -7.77
CA LYS A 18 -15.83 23.88 -7.30
C LYS A 18 -14.51 23.12 -7.42
N GLN A 19 -13.81 23.29 -8.56
CA GLN A 19 -12.52 22.60 -8.72
C GLN A 19 -11.50 23.09 -7.71
N GLN A 20 -11.46 24.40 -7.45
CA GLN A 20 -10.54 24.95 -6.45
C GLN A 20 -10.79 24.34 -5.08
N LEU A 21 -12.07 24.23 -4.70
CA LEU A 21 -12.42 23.63 -3.41
C LEU A 21 -12.04 22.15 -3.37
N LEU A 22 -12.30 21.42 -4.46
CA LEU A 22 -11.90 20.01 -4.51
C LEU A 22 -10.39 19.87 -4.38
N ASP A 23 -9.63 20.73 -5.06
CA ASP A 23 -8.18 20.64 -4.98
C ASP A 23 -7.69 20.97 -3.58
N PHE A 24 -8.32 21.94 -2.93
CA PHE A 24 -7.93 22.25 -1.55
C PHE A 24 -8.24 21.09 -0.61
N ALA A 25 -9.39 20.43 -0.79
CA ALA A 25 -9.73 19.29 0.06
C ALA A 25 -8.77 18.14 -0.18
N LEU A 26 -8.44 17.88 -1.44
CA LEU A 26 -7.44 16.86 -1.75
C LEU A 26 -6.11 17.19 -1.11
N ASP A 27 -5.72 18.47 -1.14
CA ASP A 27 -4.51 18.92 -0.47
C ASP A 27 -4.55 18.56 1.01
N VAL A 28 -5.66 18.88 1.69
CA VAL A 28 -5.77 18.58 3.10
C VAL A 28 -5.80 17.07 3.36
N PHE A 29 -6.55 16.33 2.53
CA PHE A 29 -6.59 14.86 2.67
C PHE A 29 -5.18 14.27 2.58
N ALA A 30 -4.37 14.75 1.63
CA ALA A 30 -3.02 14.20 1.46
C ALA A 30 -2.14 14.55 2.64
N ARG A 31 -2.35 15.71 3.25
CA ARG A 31 -1.52 16.12 4.37
C ARG A 31 -2.02 15.51 5.67
N ARG A 32 -3.34 15.48 5.88
CA ARG A 32 -3.89 15.13 7.19
C ARG A 32 -4.67 13.82 7.20
N GLY A 33 -5.11 13.32 6.05
CA GLY A 33 -5.84 12.07 6.03
C GLY A 33 -7.19 12.23 5.38
N ILE A 34 -7.67 11.18 4.73
CA ILE A 34 -8.94 11.26 4.01
C ILE A 34 -10.04 11.58 5.00
N GLY A 35 -10.82 12.61 4.69
CA GLY A 35 -11.90 13.04 5.55
C GLY A 35 -11.49 13.86 6.75
N ARG A 36 -10.21 14.23 6.86
CA ARG A 36 -9.73 15.09 7.93
C ARG A 36 -9.79 16.57 7.57
N ALA A 37 -10.69 16.97 6.68
CA ALA A 37 -10.86 18.38 6.32
C ALA A 37 -12.24 18.85 6.75
N GLY A 38 -12.28 19.86 7.60
CA GLY A 38 -13.53 20.54 7.86
C GLY A 38 -13.90 21.50 6.74
N HIS A 39 -15.20 21.76 6.62
CA HIS A 39 -15.64 22.80 5.68
C HIS A 39 -14.99 24.14 6.02
N ALA A 40 -14.82 24.43 7.31
CA ALA A 40 -14.15 25.67 7.70
C ALA A 40 -12.71 25.70 7.22
N ASP A 41 -12.01 24.56 7.29
CA ASP A 41 -10.63 24.51 6.80
C ASP A 41 -10.58 24.82 5.32
N ILE A 42 -11.47 24.20 4.55
CA ILE A 42 -11.54 24.45 3.12
C ILE A 42 -11.89 25.91 2.85
N ALA A 43 -12.82 26.45 3.64
CA ALA A 43 -13.20 27.85 3.48
C ALA A 43 -12.02 28.79 3.65
N GLU A 44 -11.15 28.50 4.63
CA GLU A 44 -10.01 29.38 4.90
C GLU A 44 -8.94 29.31 3.80
N MET A 45 -8.72 28.11 3.25
CA MET A 45 -7.80 27.98 2.12
C MET A 45 -8.30 28.72 0.88
N ALA A 46 -9.61 28.67 0.64
CA ALA A 46 -10.18 29.32 -0.54
C ALA A 46 -10.50 30.80 -0.31
N ASN A 47 -10.33 31.30 0.91
CA ASN A 47 -10.79 32.63 1.31
C ASN A 47 -12.24 32.87 0.88
N VAL A 48 -13.09 31.88 1.13
CA VAL A 48 -14.53 32.02 0.95
C VAL A 48 -15.19 31.68 2.28
N SER A 49 -16.49 31.94 2.36
CA SER A 49 -17.21 31.68 3.59
C SER A 49 -17.51 30.18 3.74
N VAL A 50 -17.71 29.77 4.99
CA VAL A 50 -18.10 28.38 5.26
C VAL A 50 -19.40 28.06 4.54
N ALA A 51 -20.33 29.02 4.52
CA ALA A 51 -21.60 28.81 3.84
C ALA A 51 -21.38 28.49 2.36
N THR A 52 -20.39 29.13 1.74
CA THR A 52 -20.10 28.86 0.33
C THR A 52 -19.64 27.41 0.12
N VAL A 53 -18.75 26.93 1.00
CA VAL A 53 -18.31 25.54 0.87
C VAL A 53 -19.49 24.59 1.03
N PHE A 54 -20.40 24.88 1.97
CA PHE A 54 -21.59 24.04 2.11
C PHE A 54 -22.49 24.13 0.89
N ASN A 55 -22.45 25.25 0.16
CA ASN A 55 -23.24 25.33 -1.07
C ASN A 55 -22.78 24.30 -2.10
N TYR A 56 -21.46 24.06 -2.19
CA TYR A 56 -20.91 23.10 -3.16
C TYR A 56 -20.90 21.68 -2.64
N PHE A 57 -20.79 21.50 -1.32
CA PHE A 57 -20.76 20.19 -0.68
C PHE A 57 -21.66 20.24 0.55
N PRO A 58 -22.94 19.90 0.40
CA PRO A 58 -23.88 20.08 1.52
C PRO A 58 -23.52 19.29 2.76
N THR A 59 -22.76 18.21 2.62
CA THR A 59 -22.36 17.39 3.76
C THR A 59 -20.89 17.03 3.65
N ARG A 60 -20.31 16.69 4.80
CA ARG A 60 -18.96 16.14 4.83
C ARG A 60 -18.86 14.87 3.98
N GLU A 61 -19.92 14.07 3.96
CA GLU A 61 -19.96 12.87 3.13
C GLU A 61 -19.76 13.21 1.65
N ALA A 62 -20.51 14.18 1.16
CA ALA A 62 -20.43 14.54 -0.25
C ALA A 62 -19.03 15.00 -0.62
N LEU A 63 -18.37 15.74 0.28
CA LEU A 63 -17.00 16.20 -0.02
C LEU A 63 -16.04 15.04 -0.18
N VAL A 64 -16.05 14.09 0.75
CA VAL A 64 -15.16 12.93 0.64
C VAL A 64 -15.45 12.15 -0.63
N GLU A 65 -16.74 11.90 -0.91
CA GLU A 65 -17.10 11.10 -2.09
C GLU A 65 -16.58 11.72 -3.38
N GLU A 66 -16.75 13.03 -3.52
CA GLU A 66 -16.34 13.70 -4.75
C GLU A 66 -14.82 13.84 -4.85
N VAL A 67 -14.13 13.99 -3.72
CA VAL A 67 -12.68 14.02 -3.78
C VAL A 67 -12.16 12.66 -4.22
N LEU A 68 -12.70 11.58 -3.64
CA LEU A 68 -12.26 10.23 -3.99
C LEU A 68 -12.62 9.90 -5.43
N LEU A 69 -13.75 10.41 -5.93
CA LEU A 69 -14.08 10.24 -7.34
C LEU A 69 -13.01 10.91 -8.22
N GLN A 70 -12.52 12.08 -7.79
CA GLN A 70 -11.47 12.74 -8.57
C GLN A 70 -10.21 11.90 -8.57
N VAL A 71 -9.89 11.32 -7.43
CA VAL A 71 -8.70 10.46 -7.29
C VAL A 71 -8.83 9.24 -8.20
N GLU A 72 -9.99 8.59 -8.16
CA GLU A 72 -10.24 7.45 -9.04
C GLU A 72 -10.09 7.83 -10.51
N ASN A 73 -10.63 8.98 -10.89
CA ASN A 73 -10.55 9.45 -12.27
C ASN A 73 -9.12 9.74 -12.70
N ARG A 74 -8.33 10.32 -11.79
CA ARG A 74 -6.92 10.57 -12.12
C ARG A 74 -6.18 9.27 -12.39
N PHE A 75 -6.43 8.24 -11.57
CA PHE A 75 -5.82 6.94 -11.85
C PHE A 75 -6.29 6.38 -13.18
N SER A 76 -7.59 6.51 -13.47
CA SER A 76 -8.10 6.02 -14.76
C SER A 76 -7.45 6.75 -15.92
N LEU A 77 -7.27 8.05 -15.78
CA LEU A 77 -6.61 8.86 -16.80
C LEU A 77 -5.15 8.47 -16.98
N LEU A 78 -4.46 8.14 -15.88
CA LEU A 78 -3.07 7.70 -15.98
C LEU A 78 -2.99 6.43 -16.83
N LEU A 79 -3.90 5.50 -16.63
CA LEU A 79 -3.89 4.29 -17.45
C LEU A 79 -4.40 4.57 -18.85
N SER A 80 -5.40 5.44 -18.96
CA SER A 80 -5.99 5.76 -20.26
C SER A 80 -4.96 6.36 -21.21
N GLU A 81 -4.09 7.24 -20.71
CA GLU A 81 -3.09 7.87 -21.57
C GLU A 81 -2.09 6.84 -22.09
N CYS A 82 -1.71 5.85 -21.27
CA CYS A 82 -0.70 4.89 -21.71
C CYS A 82 -1.27 3.71 -22.46
N LEU A 83 -2.52 3.31 -22.18
CA LEU A 83 -3.08 2.09 -22.75
C LEU A 83 -3.90 2.32 -24.01
N ASP A 84 -4.32 3.55 -24.28
CA ASP A 84 -5.19 3.79 -25.43
C ASP A 84 -4.42 4.05 -26.72
N GLU A 85 -3.10 4.30 -26.66
CA GLU A 85 -2.30 4.32 -27.89
C GLU A 85 -2.36 2.95 -28.55
N GLN A 86 -2.58 2.94 -29.87
CA GLN A 86 -2.79 1.70 -30.60
C GLN A 86 -1.50 1.07 -31.12
N ASP A 87 -0.43 1.84 -31.27
CA ASP A 87 0.80 1.32 -31.85
C ASP A 87 1.93 1.22 -30.83
N LYS A 88 1.69 0.47 -29.76
CA LYS A 88 2.65 0.31 -28.67
C LYS A 88 2.61 -1.12 -28.17
N THR A 89 3.78 -1.72 -28.02
CA THR A 89 3.84 -3.05 -27.44
C THR A 89 3.43 -3.01 -25.96
N LEU A 90 3.18 -4.20 -25.41
CA LEU A 90 2.88 -4.27 -23.98
C LEU A 90 4.03 -3.66 -23.18
N HIS A 91 5.28 -3.91 -23.57
CA HIS A 91 6.35 -3.46 -22.69
C HIS A 91 6.54 -1.95 -22.79
N ALA A 92 6.26 -1.36 -23.94
CA ALA A 92 6.29 0.10 -24.05
C ALA A 92 5.19 0.72 -23.18
N ARG A 93 4.00 0.10 -23.17
CA ARG A 93 2.90 0.58 -22.33
C ARG A 93 3.25 0.50 -20.85
N LEU A 94 3.80 -0.63 -20.42
CA LEU A 94 4.25 -0.77 -19.03
C LEU A 94 5.29 0.27 -18.67
N ARG A 95 6.21 0.57 -19.58
CA ARG A 95 7.21 1.61 -19.30
C ARG A 95 6.52 2.95 -19.11
N GLY A 96 5.60 3.29 -20.02
CA GLY A 96 4.87 4.55 -19.91
C GLY A 96 4.11 4.70 -18.60
N ILE A 97 3.50 3.61 -18.13
CA ILE A 97 2.80 3.64 -16.84
C ILE A 97 3.80 3.88 -15.71
N SER A 98 4.92 3.15 -15.72
CA SER A 98 5.92 3.33 -14.68
C SER A 98 6.47 4.75 -14.69
N HIS A 99 6.67 5.31 -15.89
CA HIS A 99 7.18 6.67 -16.02
C HIS A 99 6.20 7.68 -15.45
N THR A 100 4.91 7.56 -15.78
CA THR A 100 3.93 8.52 -15.29
C THR A 100 3.78 8.42 -13.78
N LEU A 101 3.82 7.20 -13.25
CA LEU A 101 3.73 7.02 -11.79
C LEU A 101 4.92 7.67 -11.09
N ILE A 102 6.13 7.42 -11.60
CA ILE A 102 7.32 8.02 -11.00
C ILE A 102 7.22 9.54 -10.98
N ASP A 103 6.80 10.14 -12.10
CA ASP A 103 6.70 11.58 -12.12
C ASP A 103 5.63 12.06 -11.15
N ALA A 104 4.52 11.34 -11.03
CA ALA A 104 3.51 11.74 -10.06
C ALA A 104 4.09 11.73 -8.64
N VAL A 105 5.01 10.82 -8.35
CA VAL A 105 5.61 10.84 -7.01
C VAL A 105 6.56 12.03 -6.88
N ILE A 106 7.39 12.26 -7.88
CA ILE A 106 8.40 13.31 -7.74
C ILE A 106 7.72 14.67 -7.65
N GLU A 107 6.63 14.86 -8.39
CA GLU A 107 5.85 16.09 -8.32
C GLU A 107 4.98 16.19 -7.09
N GLN A 108 5.03 15.17 -6.23
CA GLN A 108 4.26 15.11 -4.97
C GLN A 108 2.76 15.30 -5.24
N GLN A 109 2.26 14.61 -6.27
CA GLN A 109 0.88 14.78 -6.70
C GLN A 109 -0.05 14.28 -5.59
N ASP A 110 -0.97 15.14 -5.14
CA ASP A 110 -1.82 14.76 -4.01
C ASP A 110 -2.68 13.55 -4.32
N TRP A 111 -3.20 13.47 -5.55
CA TRP A 111 -4.16 12.40 -5.86
C TRP A 111 -3.55 11.03 -5.64
N LEU A 112 -2.27 10.86 -6.00
CA LEU A 112 -1.66 9.52 -5.92
C LEU A 112 -1.35 9.13 -4.49
N LYS A 113 -0.95 10.10 -3.67
CA LYS A 113 -0.77 9.83 -2.25
C LYS A 113 -2.08 9.39 -1.60
N VAL A 114 -3.20 10.06 -1.95
CA VAL A 114 -4.50 9.70 -1.38
C VAL A 114 -4.94 8.34 -1.93
N TRP A 115 -4.65 8.09 -3.21
CA TRP A 115 -5.02 6.81 -3.82
C TRP A 115 -4.41 5.64 -3.04
N PHE A 116 -3.12 5.71 -2.73
CA PHE A 116 -2.50 4.61 -1.99
C PHE A 116 -2.95 4.54 -0.53
N GLU A 117 -3.20 5.69 0.09
CA GLU A 117 -3.74 5.65 1.45
C GLU A 117 -5.12 5.02 1.45
N TRP A 118 -5.94 5.40 0.46
CA TRP A 118 -7.25 4.81 0.24
C TRP A 118 -7.17 3.30 0.16
N SER A 119 -6.15 2.80 -0.56
CA SER A 119 -6.04 1.36 -0.82
C SER A 119 -5.79 0.56 0.46
N THR A 120 -5.09 1.12 1.43
CA THR A 120 -4.80 0.43 2.68
C THR A 120 -5.81 0.77 3.79
N SER A 121 -6.88 1.50 3.46
CA SER A 121 -7.91 1.86 4.44
C SER A 121 -8.94 0.75 4.60
N VAL A 122 -8.50 -0.48 4.88
CA VAL A 122 -9.35 -1.64 4.63
C VAL A 122 -10.52 -1.79 5.60
N ARG A 123 -10.50 -1.08 6.72
CA ARG A 123 -11.56 -1.16 7.71
C ARG A 123 -12.49 0.04 7.68
N ASP A 124 -12.19 1.02 6.83
CA ASP A 124 -13.02 2.19 6.69
C ASP A 124 -14.18 1.90 5.72
N ASP A 125 -15.25 2.67 5.87
CA ASP A 125 -16.43 2.55 5.03
C ASP A 125 -16.18 3.01 3.60
N ILE A 126 -15.07 3.71 3.33
CA ILE A 126 -14.73 4.12 1.97
C ILE A 126 -14.07 3.01 1.18
N TRP A 127 -13.85 1.83 1.83
CA TRP A 127 -13.02 0.81 1.14
C TRP A 127 -13.79 -0.02 0.10
N PRO A 128 -14.95 -0.57 0.23
CA PRO A 128 -15.80 -0.86 -1.00
C PRO A 128 -15.73 0.15 -2.15
N GLN A 129 -15.71 1.45 -1.97
CA GLN A 129 -15.63 2.26 -3.19
C GLN A 129 -14.24 2.19 -3.86
N PHE A 130 -13.19 1.99 -3.08
CA PHE A 130 -11.87 1.80 -3.68
C PHE A 130 -11.86 0.57 -4.58
N ILE A 131 -12.41 -0.54 -4.06
CA ILE A 131 -12.43 -1.82 -4.77
C ILE A 131 -13.32 -1.72 -6.01
N SER A 132 -14.53 -1.20 -5.85
CA SER A 132 -15.47 -1.15 -6.97
C SER A 132 -14.95 -0.24 -8.08
N GLY A 133 -14.37 0.90 -7.73
CA GLY A 133 -13.79 1.77 -8.75
C GLY A 133 -12.60 1.13 -9.45
N ASN A 134 -11.79 0.36 -8.74
CA ASN A 134 -10.57 -0.13 -9.32
C ASN A 134 -10.74 -1.42 -10.12
N LYS A 135 -11.90 -2.09 -10.04
CA LYS A 135 -12.08 -3.27 -10.88
C LYS A 135 -12.22 -2.89 -12.35
N LYS A 136 -12.70 -1.67 -12.62
CA LYS A 136 -12.68 -1.16 -13.99
C LYS A 136 -11.26 -0.97 -14.49
N SER A 137 -10.36 -0.49 -13.62
CA SER A 137 -8.96 -0.32 -14.00
C SER A 137 -8.28 -1.66 -14.18
N LEU A 138 -8.55 -2.62 -13.29
CA LEU A 138 -8.01 -3.96 -13.44
C LEU A 138 -8.47 -4.59 -14.75
N LYS A 139 -9.75 -4.41 -15.09
CA LYS A 139 -10.25 -4.94 -16.36
C LYS A 139 -9.47 -4.37 -17.53
N ARG A 140 -9.22 -3.05 -17.52
CA ARG A 140 -8.49 -2.43 -18.61
C ARG A 140 -7.04 -2.90 -18.65
N ILE A 141 -6.39 -3.02 -17.49
CA ILE A 141 -5.01 -3.49 -17.44
C ILE A 141 -4.94 -4.92 -17.96
N ALA A 142 -5.87 -5.78 -17.51
CA ALA A 142 -5.89 -7.16 -17.99
C ALA A 142 -6.04 -7.22 -19.50
N ALA A 143 -6.85 -6.33 -20.08
CA ALA A 143 -7.00 -6.30 -21.52
C ALA A 143 -5.66 -6.01 -22.20
N ALA A 144 -4.87 -5.10 -21.63
CA ALA A 144 -3.54 -4.83 -22.19
C ALA A 144 -2.67 -6.09 -22.16
N PHE A 145 -2.67 -6.82 -21.03
CA PHE A 145 -1.89 -8.06 -20.96
C PHE A 145 -2.38 -9.10 -21.94
N GLU A 146 -3.71 -9.18 -22.13
CA GLU A 146 -4.25 -10.13 -23.10
C GLU A 146 -3.78 -9.80 -24.52
N GLN A 147 -3.77 -8.51 -24.88
CA GLN A 147 -3.27 -8.13 -26.19
C GLN A 147 -1.79 -8.48 -26.32
N GLY A 148 -1.02 -8.29 -25.24
CA GLY A 148 0.38 -8.71 -25.25
C GLY A 148 0.52 -10.18 -25.54
N LYS A 149 -0.27 -11.00 -24.88
CA LYS A 149 -0.24 -12.44 -25.16
C LYS A 149 -0.57 -12.73 -26.62
N GLU A 150 -1.58 -12.06 -27.18
CA GLU A 150 -1.93 -12.35 -28.56
C GLU A 150 -0.77 -12.02 -29.48
N ASN A 151 -0.02 -10.97 -29.16
CA ASN A 151 1.13 -10.54 -29.96
C ASN A 151 2.42 -11.25 -29.56
N ASN A 152 2.35 -12.28 -28.71
CA ASN A 152 3.52 -13.06 -28.32
C ASN A 152 4.59 -12.20 -27.67
N GLU A 153 4.16 -11.12 -27.03
CA GLU A 153 5.09 -10.25 -26.33
C GLU A 153 5.36 -10.74 -24.91
N ILE A 154 4.47 -11.58 -24.36
CA ILE A 154 4.69 -12.24 -23.07
C ILE A 154 4.10 -13.63 -23.20
N ASP A 155 4.50 -14.52 -22.28
CA ASP A 155 3.97 -15.88 -22.30
C ASP A 155 2.48 -15.90 -21.94
N SER A 156 1.79 -16.96 -22.38
CA SER A 156 0.37 -17.10 -22.09
C SER A 156 0.08 -17.96 -20.86
N ASP A 157 1.09 -18.42 -20.13
CA ASP A 157 0.81 -19.38 -19.06
C ASP A 157 0.23 -18.74 -17.80
N ASN A 158 0.34 -17.43 -17.62
CA ASN A 158 -0.22 -16.76 -16.46
C ASN A 158 -1.45 -15.99 -16.87
N SER A 159 -2.47 -16.00 -16.01
CA SER A 159 -3.72 -15.35 -16.35
C SER A 159 -3.57 -13.84 -16.40
N SER A 160 -4.32 -13.23 -17.32
CA SER A 160 -4.24 -11.78 -17.44
C SER A 160 -4.69 -11.08 -16.15
N ASP A 161 -5.63 -11.68 -15.42
CA ASP A 161 -6.04 -11.09 -14.14
C ASP A 161 -4.89 -11.09 -13.13
N ASP A 162 -4.16 -12.21 -13.02
CA ASP A 162 -3.01 -12.28 -12.12
C ASP A 162 -1.94 -11.27 -12.53
N LEU A 163 -1.67 -11.16 -13.84
CA LEU A 163 -0.69 -10.19 -14.30
C LEU A 163 -1.11 -8.76 -13.92
N ALA A 164 -2.41 -8.45 -14.04
CA ALA A 164 -2.90 -7.12 -13.73
C ALA A 164 -2.77 -6.81 -12.24
N HIS A 165 -3.16 -7.78 -11.40
CA HIS A 165 -2.96 -7.59 -9.96
C HIS A 165 -1.49 -7.38 -9.64
N LEU A 166 -0.60 -8.15 -10.28
CA LEU A 166 0.83 -8.02 -10.03
C LEU A 166 1.36 -6.65 -10.45
N LEU A 167 0.76 -6.06 -11.49
CA LEU A 167 1.17 -4.71 -11.88
C LEU A 167 0.86 -3.71 -10.77
N HIS A 168 -0.28 -3.87 -10.10
N HIS A 168 -0.29 -3.87 -10.12
CA HIS A 168 -0.56 -2.99 -8.96
CA HIS A 168 -0.60 -3.03 -8.97
C HIS A 168 0.49 -3.17 -7.88
C HIS A 168 0.47 -3.17 -7.90
N GLY A 169 0.94 -4.41 -7.66
CA GLY A 169 2.02 -4.62 -6.71
C GLY A 169 3.31 -3.95 -7.12
N LEU A 170 3.63 -3.99 -8.41
CA LEU A 170 4.77 -3.24 -8.91
C LEU A 170 4.61 -1.75 -8.66
N CYS A 171 3.41 -1.21 -8.94
CA CYS A 171 3.19 0.22 -8.76
C CYS A 171 3.38 0.59 -7.29
N TYR A 172 2.95 -0.28 -6.39
CA TYR A 172 3.09 -0.03 -4.95
C TYR A 172 4.55 0.10 -4.56
N ILE A 173 5.40 -0.85 -4.99
CA ILE A 173 6.79 -0.79 -4.56
C ILE A 173 7.50 0.36 -5.26
N LEU A 174 7.17 0.62 -6.52
CA LEU A 174 7.71 1.78 -7.23
C LEU A 174 7.28 3.05 -6.54
N TYR A 175 6.06 3.06 -5.99
CA TYR A 175 5.55 4.25 -5.29
C TYR A 175 6.37 4.51 -4.03
N LEU A 176 6.58 3.47 -3.22
CA LEU A 176 7.38 3.62 -2.00
C LEU A 176 8.81 4.01 -2.33
N GLN A 177 9.42 3.31 -3.30
CA GLN A 177 10.83 3.58 -3.59
C GLN A 177 11.02 4.99 -4.15
N SER A 178 10.06 5.47 -4.93
CA SER A 178 10.18 6.80 -5.50
C SER A 178 10.02 7.87 -4.42
N ASN A 179 9.22 7.58 -3.39
CA ASN A 179 9.18 8.50 -2.25
C ASN A 179 10.48 8.50 -1.48
N LEU A 180 11.15 7.35 -1.38
CA LEU A 180 12.41 7.32 -0.65
C LEU A 180 13.51 8.02 -1.44
N HIS A 181 13.53 7.80 -2.76
CA HIS A 181 14.55 8.34 -3.68
C HIS A 181 13.86 8.97 -4.88
N PRO A 182 13.39 10.20 -4.73
CA PRO A 182 12.65 10.83 -5.85
C PRO A 182 13.60 11.37 -6.91
N ASP A 183 14.11 10.43 -7.71
CA ASP A 183 15.16 10.65 -8.71
C ASP A 183 14.68 10.03 -10.00
N GLN A 184 14.36 10.86 -11.00
CA GLN A 184 13.70 10.33 -12.19
C GLN A 184 14.53 9.23 -12.84
N ASP A 185 15.83 9.48 -13.03
CA ASP A 185 16.68 8.53 -13.74
C ASP A 185 16.85 7.25 -12.94
N ARG A 186 17.17 7.38 -11.65
CA ARG A 186 17.34 6.20 -10.81
C ARG A 186 16.08 5.33 -10.79
N MET A 187 14.91 5.97 -10.68
CA MET A 187 13.68 5.20 -10.56
C MET A 187 13.23 4.61 -11.89
N ARG A 188 13.48 5.30 -13.00
CA ARG A 188 13.19 4.71 -14.30
C ARG A 188 14.01 3.45 -14.52
N GLU A 189 15.28 3.48 -14.10
CA GLU A 189 16.12 2.29 -14.21
C GLU A 189 15.58 1.15 -13.36
N GLN A 190 15.14 1.49 -12.15
CA GLN A 190 14.54 0.51 -11.25
C GLN A 190 13.26 -0.08 -11.83
N ALA A 191 12.40 0.75 -12.42
CA ALA A 191 11.14 0.26 -12.96
C ALA A 191 11.38 -0.76 -14.09
N GLU A 192 12.31 -0.46 -14.99
CA GLU A 192 12.62 -1.39 -16.08
C GLU A 192 13.04 -2.75 -15.57
N ARG A 193 13.88 -2.78 -14.53
CA ARG A 193 14.30 -4.06 -13.97
C ARG A 193 13.13 -4.82 -13.36
N TYR A 194 12.25 -4.12 -12.64
CA TYR A 194 11.06 -4.76 -12.09
C TYR A 194 10.22 -5.37 -13.21
N ILE A 195 9.96 -4.57 -14.25
CA ILE A 195 9.14 -5.05 -15.36
C ILE A 195 9.78 -6.28 -16.03
N ASN A 196 11.10 -6.28 -16.21
CA ASN A 196 11.76 -7.41 -16.85
C ASN A 196 11.67 -8.68 -16.01
N THR A 197 11.67 -8.53 -14.69
CA THR A 197 11.59 -9.68 -13.78
C THR A 197 10.17 -10.25 -13.74
N LEU A 198 9.18 -9.36 -13.63
CA LEU A 198 7.77 -9.73 -13.53
C LEU A 198 7.19 -10.16 -14.87
N TYR A 199 7.61 -9.50 -15.95
CA TYR A 199 7.04 -9.72 -17.29
C TYR A 199 8.14 -10.01 -18.29
N PRO A 200 8.70 -11.22 -18.25
CA PRO A 200 9.80 -11.54 -19.16
C PRO A 200 9.35 -11.50 -20.62
N ALA A 201 10.25 -11.03 -21.47
CA ALA A 201 9.93 -10.88 -22.88
C ALA A 201 9.73 -12.23 -23.56
N LYS A 202 8.91 -12.22 -24.60
CA LYS A 202 8.78 -13.34 -25.50
C LYS A 202 8.88 -12.83 -26.94
N LEU B 12 -1.39 -5.60 38.53
CA LEU B 12 -0.64 -5.42 37.30
C LEU B 12 0.59 -4.56 37.55
N SER B 13 1.79 -5.16 37.50
CA SER B 13 3.02 -4.40 37.65
C SER B 13 3.16 -3.40 36.51
N PRO B 14 3.92 -2.32 36.73
CA PRO B 14 3.98 -1.25 35.70
C PRO B 14 4.40 -1.71 34.31
N GLU B 15 5.33 -2.66 34.17
CA GLU B 15 5.72 -3.07 32.83
C GLU B 15 4.64 -3.91 32.16
N LYS B 16 3.83 -4.64 32.94
CA LYS B 16 2.70 -5.36 32.34
C LYS B 16 1.59 -4.39 31.95
N ARG B 17 1.38 -3.35 32.77
CA ARG B 17 0.38 -2.36 32.44
C ARG B 17 0.74 -1.63 31.16
N LYS B 18 2.02 -1.27 31.00
CA LYS B 18 2.41 -0.57 29.78
C LYS B 18 2.20 -1.45 28.56
N GLN B 19 2.55 -2.73 28.66
CA GLN B 19 2.37 -3.63 27.52
C GLN B 19 0.88 -3.77 27.18
N GLN B 20 0.03 -3.85 28.19
CA GLN B 20 -1.41 -3.90 27.95
C GLN B 20 -1.90 -2.62 27.27
N LEU B 21 -1.42 -1.47 27.73
CA LEU B 21 -1.80 -0.22 27.08
C LEU B 21 -1.31 -0.21 25.63
N LEU B 22 -0.11 -0.72 25.36
CA LEU B 22 0.37 -0.78 23.98
C LEU B 22 -0.50 -1.67 23.13
N ASP B 23 -0.88 -2.84 23.65
CA ASP B 23 -1.74 -3.75 22.90
C ASP B 23 -3.10 -3.11 22.62
N PHE B 24 -3.64 -2.38 23.62
CA PHE B 24 -4.90 -1.65 23.42
C PHE B 24 -4.72 -0.52 22.41
N ALA B 25 -3.55 0.13 22.43
CA ALA B 25 -3.34 1.21 21.49
C ALA B 25 -3.31 0.66 20.06
N LEU B 26 -2.71 -0.51 19.90
CA LEU B 26 -2.71 -1.14 18.58
C LEU B 26 -4.14 -1.42 18.12
N ASP B 27 -4.99 -1.92 19.02
CA ASP B 27 -6.40 -2.12 18.71
C ASP B 27 -7.06 -0.83 18.25
N VAL B 28 -6.84 0.26 18.99
CA VAL B 28 -7.46 1.54 18.65
C VAL B 28 -6.90 2.07 17.33
N PHE B 29 -5.59 1.97 17.13
CA PHE B 29 -4.99 2.49 15.89
C PHE B 29 -5.46 1.70 14.68
N ALA B 30 -5.62 0.38 14.84
CA ALA B 30 -6.12 -0.40 13.71
C ALA B 30 -7.55 0.00 13.35
N ARG B 31 -8.36 0.35 14.35
CA ARG B 31 -9.75 0.70 14.07
C ARG B 31 -9.87 2.12 13.53
N ARG B 32 -9.13 3.07 14.11
CA ARG B 32 -9.35 4.48 13.82
C ARG B 32 -8.21 5.15 13.05
N GLY B 33 -7.06 4.50 12.90
CA GLY B 33 -5.95 5.13 12.21
C GLY B 33 -4.85 5.49 13.18
N ILE B 34 -3.61 5.34 12.72
CA ILE B 34 -2.40 5.64 13.49
C ILE B 34 -2.39 7.07 14.00
N GLY B 35 -2.97 7.99 13.24
CA GLY B 35 -2.87 9.42 13.46
C GLY B 35 -3.86 10.02 14.44
N ARG B 36 -4.65 9.19 15.13
CA ARG B 36 -5.74 9.71 15.95
C ARG B 36 -5.39 9.68 17.44
N ALA B 37 -5.79 10.74 18.14
CA ALA B 37 -5.55 10.84 19.57
C ALA B 37 -6.23 9.67 20.29
N GLY B 38 -5.43 8.72 20.76
CA GLY B 38 -6.00 7.52 21.35
C GLY B 38 -5.90 7.41 22.86
N HIS B 39 -5.35 8.39 23.58
CA HIS B 39 -5.11 8.20 25.02
C HIS B 39 -6.42 7.92 25.75
N ALA B 40 -7.46 8.72 25.49
CA ALA B 40 -8.73 8.49 26.20
C ALA B 40 -9.35 7.16 25.80
N ASP B 41 -9.26 6.78 24.53
CA ASP B 41 -9.83 5.49 24.12
C ASP B 41 -9.10 4.34 24.80
N ILE B 42 -7.76 4.40 24.84
CA ILE B 42 -6.96 3.38 25.49
C ILE B 42 -7.30 3.31 26.97
N ALA B 43 -7.43 4.48 27.60
CA ALA B 43 -7.79 4.55 29.01
C ALA B 43 -9.08 3.78 29.30
N GLU B 44 -10.11 4.00 28.48
CA GLU B 44 -11.36 3.31 28.71
C GLU B 44 -11.23 1.80 28.52
N MET B 45 -10.44 1.37 27.53
CA MET B 45 -10.23 -0.07 27.32
C MET B 45 -9.51 -0.68 28.52
N ALA B 46 -8.53 0.02 29.06
CA ALA B 46 -7.76 -0.46 30.19
C ALA B 46 -8.46 -0.28 31.52
N ASN B 47 -9.58 0.46 31.57
CA ASN B 47 -10.23 0.79 32.84
C ASN B 47 -9.30 1.56 33.76
N VAL B 48 -8.53 2.48 33.19
CA VAL B 48 -7.70 3.38 33.98
C VAL B 48 -8.04 4.80 33.56
N SER B 49 -7.57 5.77 34.33
CA SER B 49 -7.81 7.15 33.99
C SER B 49 -6.97 7.58 32.80
N VAL B 50 -7.41 8.66 32.15
CA VAL B 50 -6.59 9.14 31.05
C VAL B 50 -5.27 9.72 31.58
N ALA B 51 -5.27 10.27 32.81
CA ALA B 51 -4.01 10.66 33.44
C ALA B 51 -3.02 9.49 33.55
N THR B 52 -3.52 8.30 33.88
CA THR B 52 -2.62 7.15 33.98
C THR B 52 -2.00 6.83 32.62
N VAL B 53 -2.78 6.95 31.55
CA VAL B 53 -2.22 6.67 30.23
C VAL B 53 -1.16 7.71 29.89
N PHE B 54 -1.39 8.99 30.26
CA PHE B 54 -0.37 10.00 30.00
C PHE B 54 0.87 9.82 30.86
N ASN B 55 0.74 9.15 32.03
CA ASN B 55 1.93 8.83 32.82
C ASN B 55 2.88 7.92 32.05
N TYR B 56 2.33 6.94 31.32
CA TYR B 56 3.14 6.02 30.54
C TYR B 56 3.55 6.59 29.19
N PHE B 57 2.69 7.44 28.60
CA PHE B 57 2.93 8.04 27.29
C PHE B 57 2.67 9.54 27.36
N PRO B 58 3.69 10.33 27.70
CA PRO B 58 3.46 11.77 27.92
C PRO B 58 2.95 12.53 26.70
N THR B 59 3.18 12.04 25.48
CA THR B 59 2.68 12.69 24.28
C THR B 59 2.02 11.67 23.36
N ARG B 60 1.21 12.20 22.43
CA ARG B 60 0.72 11.36 21.33
C ARG B 60 1.88 10.79 20.52
N GLU B 61 2.90 11.61 20.29
CA GLU B 61 4.03 11.16 19.47
C GLU B 61 4.76 9.98 20.11
N ALA B 62 4.91 10.01 21.44
CA ALA B 62 5.51 8.89 22.16
C ALA B 62 4.70 7.62 22.03
N LEU B 63 3.37 7.72 22.18
CA LEU B 63 2.54 6.54 22.05
C LEU B 63 2.66 5.94 20.66
N VAL B 64 2.58 6.78 19.62
CA VAL B 64 2.70 6.28 18.24
C VAL B 64 4.04 5.57 18.02
N GLU B 65 5.14 6.23 18.39
CA GLU B 65 6.46 5.66 18.14
C GLU B 65 6.61 4.28 18.78
N GLU B 66 6.07 4.11 19.99
CA GLU B 66 6.20 2.85 20.69
C GLU B 66 5.27 1.79 20.13
N VAL B 67 4.08 2.17 19.64
CA VAL B 67 3.21 1.21 18.97
C VAL B 67 3.84 0.75 17.65
N LEU B 68 4.42 1.68 16.90
CA LEU B 68 4.98 1.29 15.61
C LEU B 68 6.23 0.43 15.78
N LEU B 69 6.99 0.66 16.84
CA LEU B 69 8.09 -0.26 17.15
C LEU B 69 7.59 -1.67 17.40
N GLN B 70 6.46 -1.80 18.11
CA GLN B 70 5.87 -3.13 18.30
C GLN B 70 5.45 -3.75 16.97
N VAL B 71 4.86 -2.95 16.09
CA VAL B 71 4.42 -3.43 14.78
C VAL B 71 5.63 -3.89 13.96
N GLU B 72 6.70 -3.08 13.98
CA GLU B 72 7.94 -3.46 13.30
C GLU B 72 8.46 -4.80 13.83
N ASN B 73 8.47 -4.96 15.16
CA ASN B 73 8.91 -6.21 15.74
C ASN B 73 8.03 -7.38 15.34
N ARG B 74 6.71 -7.16 15.19
CA ARG B 74 5.82 -8.26 14.80
C ARG B 74 6.12 -8.73 13.39
N PHE B 75 6.38 -7.80 12.46
CA PHE B 75 6.74 -8.19 11.10
C PHE B 75 8.05 -8.97 11.10
N SER B 76 9.02 -8.51 11.89
CA SER B 76 10.29 -9.21 12.02
C SER B 76 10.07 -10.63 12.53
N LEU B 77 9.19 -10.79 13.53
CA LEU B 77 8.93 -12.13 14.05
C LEU B 77 8.27 -13.01 12.99
N LEU B 78 7.38 -12.45 12.17
CA LEU B 78 6.84 -13.20 11.04
C LEU B 78 7.97 -13.69 10.14
N LEU B 79 8.91 -12.81 9.81
CA LEU B 79 10.00 -13.19 8.93
C LEU B 79 10.90 -14.23 9.57
N SER B 80 11.23 -14.04 10.86
CA SER B 80 12.07 -15.00 11.54
C SER B 80 11.45 -16.38 11.57
N GLU B 81 10.14 -16.46 11.85
CA GLU B 81 9.49 -17.76 11.91
C GLU B 81 9.53 -18.46 10.55
N CYS B 82 9.44 -17.69 9.46
CA CYS B 82 9.44 -18.29 8.14
C CYS B 82 10.84 -18.47 7.56
N LEU B 83 11.84 -17.74 8.08
CA LEU B 83 13.16 -17.76 7.47
C LEU B 83 14.23 -18.47 8.29
N ASP B 84 13.99 -18.71 9.59
CA ASP B 84 15.06 -19.18 10.47
C ASP B 84 15.31 -20.68 10.40
N GLU B 85 14.48 -21.45 9.68
CA GLU B 85 14.71 -22.89 9.62
C GLU B 85 15.98 -23.24 8.85
N GLN B 86 16.27 -22.49 7.77
CA GLN B 86 17.56 -22.50 7.08
C GLN B 86 17.79 -23.77 6.25
N ASP B 87 17.00 -24.82 6.46
CA ASP B 87 17.03 -25.99 5.60
C ASP B 87 15.82 -26.07 4.67
N LYS B 88 14.88 -25.14 4.76
CA LYS B 88 13.74 -25.07 3.86
C LYS B 88 14.16 -24.48 2.51
N THR B 89 13.47 -24.93 1.46
CA THR B 89 13.68 -24.36 0.13
C THR B 89 13.12 -22.93 0.07
N LEU B 90 13.54 -22.21 -0.97
CA LEU B 90 13.03 -20.85 -1.14
C LEU B 90 11.52 -20.85 -1.34
N HIS B 91 11.00 -21.79 -2.12
CA HIS B 91 9.58 -21.71 -2.41
C HIS B 91 8.74 -22.12 -1.21
N ALA B 92 9.26 -22.98 -0.35
CA ALA B 92 8.55 -23.28 0.90
C ALA B 92 8.56 -22.07 1.83
N ARG B 93 9.65 -21.31 1.83
CA ARG B 93 9.69 -20.09 2.63
C ARG B 93 8.72 -19.05 2.09
N LEU B 94 8.70 -18.85 0.77
CA LEU B 94 7.76 -17.89 0.20
C LEU B 94 6.33 -18.33 0.47
N ARG B 95 6.05 -19.63 0.33
CA ARG B 95 4.73 -20.14 0.62
C ARG B 95 4.34 -19.87 2.08
N GLY B 96 5.27 -20.12 3.00
CA GLY B 96 4.99 -19.90 4.41
C GLY B 96 4.70 -18.44 4.72
N ILE B 97 5.49 -17.53 4.15
CA ILE B 97 5.24 -16.10 4.35
C ILE B 97 3.86 -15.74 3.85
N SER B 98 3.53 -16.19 2.63
CA SER B 98 2.22 -15.83 2.07
C SER B 98 1.09 -16.45 2.90
N HIS B 99 1.26 -17.68 3.36
CA HIS B 99 0.20 -18.29 4.14
C HIS B 99 0.00 -17.57 5.47
N THR B 100 1.11 -17.18 6.11
CA THR B 100 1.03 -16.48 7.39
C THR B 100 0.35 -15.12 7.21
N LEU B 101 0.69 -14.42 6.13
CA LEU B 101 0.01 -13.15 5.82
C LEU B 101 -1.48 -13.34 5.62
N ILE B 102 -1.88 -14.32 4.80
CA ILE B 102 -3.30 -14.54 4.56
C ILE B 102 -4.04 -14.79 5.87
N ASP B 103 -3.47 -15.64 6.73
CA ASP B 103 -4.14 -15.96 7.98
C ASP B 103 -4.15 -14.74 8.92
N ALA B 104 -3.13 -13.88 8.84
CA ALA B 104 -3.14 -12.65 9.63
C ALA B 104 -4.27 -11.72 9.20
N VAL B 105 -4.63 -11.75 7.92
CA VAL B 105 -5.78 -10.99 7.46
C VAL B 105 -7.08 -11.64 7.91
N ILE B 106 -7.21 -12.96 7.72
CA ILE B 106 -8.46 -13.62 8.05
C ILE B 106 -8.75 -13.50 9.54
N GLU B 107 -7.71 -13.58 10.37
CA GLU B 107 -7.82 -13.38 11.82
C GLU B 107 -7.83 -11.91 12.22
N GLN B 108 -7.77 -11.01 11.23
CA GLN B 108 -7.83 -9.56 11.42
C GLN B 108 -6.83 -9.09 12.48
N GLN B 109 -5.58 -9.49 12.28
CA GLN B 109 -4.52 -9.10 13.19
C GLN B 109 -4.23 -7.60 13.06
N ASP B 110 -4.27 -6.92 14.21
CA ASP B 110 -4.18 -5.46 14.21
C ASP B 110 -2.83 -4.99 13.68
N TRP B 111 -1.74 -5.67 14.08
CA TRP B 111 -0.41 -5.17 13.73
C TRP B 111 -0.22 -5.08 12.22
N LEU B 112 -0.80 -6.02 11.47
CA LEU B 112 -0.62 -6.05 10.02
C LEU B 112 -1.39 -4.92 9.33
N LYS B 113 -2.61 -4.66 9.78
CA LYS B 113 -3.37 -3.51 9.26
C LYS B 113 -2.60 -2.21 9.48
N VAL B 114 -2.06 -2.02 10.69
CA VAL B 114 -1.28 -0.83 11.00
C VAL B 114 0.00 -0.80 10.18
N TRP B 115 0.66 -1.94 10.00
CA TRP B 115 1.88 -1.98 9.22
C TRP B 115 1.63 -1.45 7.81
N PHE B 116 0.57 -1.93 7.15
CA PHE B 116 0.29 -1.45 5.80
C PHE B 116 -0.17 0.01 5.78
N GLU B 117 -0.91 0.48 6.81
CA GLU B 117 -1.23 1.90 6.84
C GLU B 117 0.04 2.72 7.02
N TRP B 118 0.94 2.26 7.87
CA TRP B 118 2.23 2.92 8.05
C TRP B 118 2.96 3.05 6.73
N SER B 119 2.90 2.01 5.91
CA SER B 119 3.69 1.95 4.69
C SER B 119 3.30 3.04 3.70
N THR B 120 2.02 3.42 3.69
CA THR B 120 1.55 4.44 2.75
C THR B 120 1.48 5.83 3.41
N SER B 121 2.04 5.97 4.61
CA SER B 121 2.03 7.27 5.31
C SER B 121 3.23 8.13 4.90
N VAL B 122 3.43 8.36 3.60
CA VAL B 122 4.75 8.73 3.10
C VAL B 122 5.16 10.17 3.43
N ARG B 123 4.21 11.05 3.76
CA ARG B 123 4.57 12.41 4.13
C ARG B 123 4.68 12.58 5.63
N ASP B 124 4.32 11.57 6.39
CA ASP B 124 4.30 11.68 7.83
C ASP B 124 5.70 11.56 8.39
N ASP B 125 5.95 12.30 9.49
CA ASP B 125 7.16 12.16 10.29
C ASP B 125 7.45 10.70 10.67
N ILE B 126 6.44 9.83 10.68
CA ILE B 126 6.65 8.43 11.04
C ILE B 126 7.20 7.59 9.90
N TRP B 127 7.25 8.12 8.67
CA TRP B 127 7.60 7.25 7.54
C TRP B 127 9.07 6.84 7.52
N PRO B 128 10.03 7.73 7.84
CA PRO B 128 11.44 7.29 7.86
C PRO B 128 11.70 6.06 8.72
N GLN B 129 10.97 5.91 9.83
CA GLN B 129 11.10 4.70 10.64
C GLN B 129 10.51 3.48 9.95
N PHE B 130 9.44 3.66 9.15
CA PHE B 130 8.96 2.53 8.36
C PHE B 130 10.08 2.00 7.48
N ILE B 131 10.79 2.92 6.82
CA ILE B 131 11.87 2.55 5.91
C ILE B 131 13.04 1.94 6.67
N SER B 132 13.47 2.61 7.74
CA SER B 132 14.67 2.16 8.43
C SER B 132 14.49 0.76 9.04
N GLY B 133 13.28 0.42 9.49
CA GLY B 133 13.02 -0.96 9.89
C GLY B 133 12.81 -1.90 8.71
N ASN B 134 12.37 -1.37 7.57
CA ASN B 134 12.12 -2.20 6.38
C ASN B 134 13.40 -2.69 5.72
N LYS B 135 14.56 -2.05 5.95
CA LYS B 135 15.75 -2.50 5.24
C LYS B 135 16.38 -3.71 5.93
N LYS B 136 16.27 -3.82 7.26
CA LYS B 136 16.67 -5.07 7.89
C LYS B 136 15.80 -6.23 7.42
N SER B 137 14.53 -5.94 7.11
CA SER B 137 13.65 -6.93 6.53
C SER B 137 14.04 -7.27 5.10
N LEU B 138 14.24 -6.24 4.28
CA LEU B 138 14.66 -6.45 2.90
C LEU B 138 15.93 -7.28 2.83
N LYS B 139 16.91 -6.95 3.68
CA LYS B 139 18.19 -7.66 3.66
C LYS B 139 18.02 -9.14 3.98
N ARG B 140 17.15 -9.47 4.95
CA ARG B 140 16.89 -10.87 5.27
C ARG B 140 16.23 -11.59 4.10
N ILE B 141 15.21 -10.96 3.51
CA ILE B 141 14.52 -11.56 2.36
C ILE B 141 15.47 -11.69 1.17
N ALA B 142 16.26 -10.65 0.90
CA ALA B 142 17.25 -10.73 -0.17
C ALA B 142 18.20 -11.91 0.02
N ALA B 143 18.66 -12.15 1.25
CA ALA B 143 19.58 -13.27 1.47
C ALA B 143 18.90 -14.60 1.14
N ALA B 144 17.62 -14.74 1.48
CA ALA B 144 16.87 -15.95 1.13
C ALA B 144 16.84 -16.15 -0.38
N PHE B 145 16.61 -15.08 -1.14
CA PHE B 145 16.63 -15.19 -2.60
C PHE B 145 18.02 -15.55 -3.10
N GLU B 146 19.06 -14.98 -2.50
CA GLU B 146 20.42 -15.30 -2.91
C GLU B 146 20.72 -16.78 -2.68
N GLN B 147 20.34 -17.31 -1.52
CA GLN B 147 20.51 -18.74 -1.28
C GLN B 147 19.72 -19.57 -2.27
N GLY B 148 18.52 -19.11 -2.63
CA GLY B 148 17.76 -19.80 -3.67
C GLY B 148 18.48 -19.82 -5.00
N LYS B 149 19.09 -18.69 -5.38
CA LYS B 149 19.87 -18.65 -6.61
C LYS B 149 21.09 -19.55 -6.52
N GLU B 150 21.65 -19.72 -5.32
CA GLU B 150 22.83 -20.57 -5.14
C GLU B 150 22.49 -22.04 -5.40
N ASN B 151 21.31 -22.48 -4.96
CA ASN B 151 20.85 -23.85 -5.10
C ASN B 151 20.06 -24.07 -6.39
N ASN B 152 20.14 -23.14 -7.34
CA ASN B 152 19.51 -23.29 -8.65
C ASN B 152 18.01 -23.52 -8.53
N GLU B 153 17.39 -22.93 -7.50
CA GLU B 153 15.95 -23.09 -7.33
C GLU B 153 15.16 -22.06 -8.14
N ILE B 154 15.78 -20.92 -8.46
CA ILE B 154 15.19 -19.91 -9.33
C ILE B 154 16.30 -19.44 -10.27
N ASP B 155 15.89 -18.69 -11.29
CA ASP B 155 16.85 -18.06 -12.18
C ASP B 155 17.79 -17.13 -11.41
N SER B 156 19.04 -17.05 -11.87
CA SER B 156 20.01 -16.10 -11.33
C SER B 156 19.92 -14.75 -12.02
N ASP B 157 18.91 -14.55 -12.87
CA ASP B 157 18.83 -13.44 -13.80
C ASP B 157 18.45 -12.12 -13.14
N ASN B 158 17.95 -12.16 -11.92
CA ASN B 158 17.40 -10.98 -11.27
C ASN B 158 18.07 -10.78 -9.93
N SER B 159 18.40 -9.53 -9.61
CA SER B 159 19.14 -9.22 -8.39
C SER B 159 18.30 -9.57 -7.17
N SER B 160 18.98 -10.05 -6.13
CA SER B 160 18.25 -10.45 -4.93
C SER B 160 17.50 -9.27 -4.31
N ASP B 161 18.07 -8.06 -4.37
CA ASP B 161 17.35 -6.91 -3.82
C ASP B 161 16.05 -6.64 -4.59
N ASP B 162 16.07 -6.78 -5.92
CA ASP B 162 14.84 -6.63 -6.70
C ASP B 162 13.80 -7.70 -6.36
N LEU B 163 14.23 -8.96 -6.24
CA LEU B 163 13.30 -10.02 -5.87
C LEU B 163 12.66 -9.73 -4.51
N ALA B 164 13.44 -9.17 -3.58
CA ALA B 164 12.93 -8.89 -2.24
C ALA B 164 11.89 -7.78 -2.29
N HIS B 165 12.17 -6.73 -3.03
CA HIS B 165 11.19 -5.66 -3.20
C HIS B 165 9.91 -6.19 -3.83
N LEU B 166 10.04 -7.01 -4.86
CA LEU B 166 8.85 -7.55 -5.53
C LEU B 166 8.02 -8.41 -4.60
N LEU B 167 8.66 -9.08 -3.64
CA LEU B 167 7.90 -9.87 -2.67
C LEU B 167 7.00 -8.97 -1.83
N HIS B 168 7.50 -7.79 -1.47
N HIS B 168 7.49 -7.78 -1.46
CA HIS B 168 6.67 -6.82 -0.75
CA HIS B 168 6.64 -6.83 -0.74
C HIS B 168 5.44 -6.46 -1.58
C HIS B 168 5.44 -6.43 -1.57
N GLY B 169 5.62 -6.24 -2.88
CA GLY B 169 4.48 -5.97 -3.75
C GLY B 169 3.50 -7.14 -3.80
N LEU B 170 4.03 -8.37 -3.81
CA LEU B 170 3.15 -9.52 -3.79
C LEU B 170 2.34 -9.55 -2.50
N CYS B 171 3.01 -9.29 -1.36
CA CYS B 171 2.32 -9.22 -0.07
C CYS B 171 1.24 -8.16 -0.03
N TYR B 172 1.50 -7.01 -0.63
CA TYR B 172 0.50 -5.95 -0.68
C TYR B 172 -0.75 -6.42 -1.40
N ILE B 173 -0.58 -7.02 -2.58
CA ILE B 173 -1.72 -7.46 -3.36
C ILE B 173 -2.47 -8.57 -2.63
N LEU B 174 -1.74 -9.52 -2.05
CA LEU B 174 -2.37 -10.59 -1.28
C LEU B 174 -3.12 -10.02 -0.10
N TYR B 175 -2.54 -8.99 0.53
CA TYR B 175 -3.18 -8.35 1.68
C TYR B 175 -4.53 -7.74 1.30
N LEU B 176 -4.55 -6.96 0.21
CA LEU B 176 -5.81 -6.36 -0.25
C LEU B 176 -6.82 -7.42 -0.66
N GLN B 177 -6.37 -8.43 -1.39
CA GLN B 177 -7.33 -9.41 -1.90
C GLN B 177 -7.90 -10.25 -0.77
N SER B 178 -7.07 -10.58 0.23
CA SER B 178 -7.52 -11.35 1.38
C SER B 178 -8.51 -10.56 2.23
N ASN B 179 -8.34 -9.23 2.29
CA ASN B 179 -9.34 -8.40 2.95
C ASN B 179 -10.64 -8.36 2.16
N LEU B 180 -10.57 -8.39 0.83
CA LEU B 180 -11.79 -8.47 0.03
C LEU B 180 -12.47 -9.83 0.20
N HIS B 181 -11.68 -10.90 0.10
CA HIS B 181 -12.15 -12.29 0.11
C HIS B 181 -11.37 -13.08 1.15
N PRO B 182 -11.79 -13.00 2.43
CA PRO B 182 -11.04 -13.66 3.54
C PRO B 182 -11.33 -15.16 3.55
N ASP B 183 -10.90 -15.79 2.48
CA ASP B 183 -11.24 -17.17 2.11
C ASP B 183 -9.92 -17.92 2.01
N GLN B 184 -9.60 -18.76 3.01
CA GLN B 184 -8.25 -19.33 3.05
C GLN B 184 -7.94 -20.13 1.79
N ASP B 185 -8.84 -21.02 1.38
CA ASP B 185 -8.62 -21.86 0.19
C ASP B 185 -8.32 -21.00 -1.03
N ARG B 186 -9.18 -20.02 -1.28
CA ARG B 186 -9.08 -19.18 -2.47
C ARG B 186 -7.79 -18.38 -2.46
N MET B 187 -7.42 -17.85 -1.29
CA MET B 187 -6.22 -17.00 -1.19
C MET B 187 -4.93 -17.81 -1.28
N ARG B 188 -4.91 -19.02 -0.72
CA ARG B 188 -3.72 -19.86 -0.87
C ARG B 188 -3.51 -20.27 -2.31
N GLU B 189 -4.61 -20.59 -3.02
CA GLU B 189 -4.55 -20.84 -4.46
C GLU B 189 -4.03 -19.62 -5.20
N GLN B 190 -4.56 -18.44 -4.86
CA GLN B 190 -4.12 -17.21 -5.48
C GLN B 190 -2.64 -16.95 -5.22
N ALA B 191 -2.19 -17.16 -3.98
CA ALA B 191 -0.77 -16.94 -3.64
C ALA B 191 0.15 -17.85 -4.45
N GLU B 192 -0.24 -19.13 -4.59
CA GLU B 192 0.59 -20.05 -5.39
C GLU B 192 0.73 -19.57 -6.82
N ARG B 193 -0.36 -19.09 -7.43
CA ARG B 193 -0.23 -18.56 -8.79
C ARG B 193 0.73 -17.38 -8.83
N TYR B 194 0.61 -16.44 -7.87
CA TYR B 194 1.51 -15.28 -7.82
C TYR B 194 2.97 -15.71 -7.70
N ILE B 195 3.25 -16.65 -6.81
CA ILE B 195 4.62 -17.11 -6.61
C ILE B 195 5.16 -17.74 -7.89
N ASN B 196 4.34 -18.59 -8.55
CA ASN B 196 4.74 -19.21 -9.81
C ASN B 196 5.00 -18.19 -10.91
N THR B 197 4.27 -17.08 -10.91
CA THR B 197 4.42 -16.05 -11.93
C THR B 197 5.68 -15.23 -11.69
N LEU B 198 5.90 -14.84 -10.44
CA LEU B 198 7.00 -13.95 -10.13
C LEU B 198 8.29 -14.75 -9.94
N TYR B 199 8.19 -15.94 -9.37
CA TYR B 199 9.35 -16.74 -9.01
C TYR B 199 9.19 -18.16 -9.53
N PRO B 200 9.28 -18.35 -10.85
CA PRO B 200 9.11 -19.70 -11.39
C PRO B 200 10.26 -20.59 -10.95
N ALA B 201 9.92 -21.81 -10.53
CA ALA B 201 10.93 -22.71 -9.99
C ALA B 201 11.79 -23.28 -11.11
N LYS B 202 13.03 -23.63 -10.74
CA LYS B 202 14.04 -24.20 -11.64
C LYS B 202 14.64 -23.14 -12.56
#